data_7V6T
#
_entry.id   7V6T
#
_cell.length_a   39.224
_cell.length_b   63.720
_cell.length_c   104.316
_cell.angle_alpha   90.000
_cell.angle_beta   90.000
_cell.angle_gamma   90.000
#
_symmetry.space_group_name_H-M   'P 21 21 21'
#
loop_
_entity.id
_entity.type
_entity.pdbx_description
1 polymer 'Murein DD-endopeptidase MepS/Murein LD-carboxypeptidase'
2 non-polymer 'CITRIC ACID'
3 non-polymer 1,2-ETHANEDIOL
4 water water
#
_entity_poly.entity_id   1
_entity_poly.type   'polypeptide(L)'
_entity_poly.pdbx_seq_one_letter_code
;GSHMVRNVDVKSRIMDQYADWKGVRYRLGGSTKKGIDSSGFVQRTFREQFGLELPRSTYEQQEMGKSVSRSNLRTGDLVL
FRAGSTGRHVGIYIGNNQFVHASTSSGVIISSMNEPYWKKRYNEARRVLSRS
;
_entity_poly.pdbx_strand_id   A,B
#
loop_
_chem_comp.id
_chem_comp.type
_chem_comp.name
_chem_comp.formula
CIT non-polymer 'CITRIC ACID' 'C6 H8 O7'
EDO non-polymer 1,2-ETHANEDIOL 'C2 H6 O2'
#
# COMPACT_ATOMS: atom_id res chain seq x y z
N GLY A 1 -21.03 7.01 -3.00
CA GLY A 1 -19.77 6.28 -3.01
C GLY A 1 -19.91 4.89 -3.57
N SER A 2 -18.79 4.19 -3.71
CA SER A 2 -18.78 2.85 -4.29
C SER A 2 -19.14 1.83 -3.22
N HIS A 3 -20.03 0.90 -3.58
CA HIS A 3 -20.43 -0.19 -2.69
C HIS A 3 -20.12 -1.54 -3.31
N MET A 4 -19.19 -1.59 -4.24
CA MET A 4 -18.73 -2.86 -4.77
C MET A 4 -17.99 -3.63 -3.68
N VAL A 5 -18.20 -4.95 -3.65
CA VAL A 5 -17.48 -5.80 -2.71
C VAL A 5 -16.01 -5.77 -3.08
N ARG A 6 -15.15 -5.78 -2.05
CA ARG A 6 -13.72 -5.75 -2.28
C ARG A 6 -13.03 -6.68 -1.31
N ASN A 7 -11.87 -7.16 -1.73
CA ASN A 7 -11.00 -7.96 -0.88
C ASN A 7 -11.67 -9.25 -0.42
N VAL A 8 -12.52 -9.76 -1.32
CA VAL A 8 -12.36 -11.04 -1.99
C VAL A 8 -11.82 -12.20 -1.16
N ASP A 9 -11.97 -13.42 -1.69
CA ASP A 9 -11.20 -14.61 -1.32
C ASP A 9 -9.73 -14.31 -1.02
N VAL A 10 -9.45 -13.57 0.05
CA VAL A 10 -8.04 -13.23 0.37
C VAL A 10 -7.25 -14.49 0.68
N LYS A 11 -7.82 -15.36 1.53
CA LYS A 11 -7.11 -16.58 1.91
C LYS A 11 -6.81 -17.47 0.70
N SER A 12 -7.81 -17.68 -0.16
CA SER A 12 -7.57 -18.58 -1.29
C SER A 12 -6.53 -18.03 -2.25
N ARG A 13 -6.47 -16.70 -2.42
CA ARG A 13 -5.46 -16.11 -3.30
C ARG A 13 -4.06 -16.29 -2.73
N ILE A 14 -3.90 -16.06 -1.43
CA ILE A 14 -2.59 -16.28 -0.81
C ILE A 14 -2.20 -17.75 -0.92
N MET A 15 -3.16 -18.65 -0.72
CA MET A 15 -2.84 -20.07 -0.86
C MET A 15 -2.51 -20.44 -2.29
N ASP A 16 -3.12 -19.78 -3.27
CA ASP A 16 -2.73 -19.97 -4.66
C ASP A 16 -1.25 -19.62 -4.86
N GLN A 17 -0.83 -18.48 -4.32
CA GLN A 17 0.58 -18.11 -4.42
C GLN A 17 1.47 -19.12 -3.73
N TYR A 18 1.08 -19.55 -2.52
CA TYR A 18 1.86 -20.52 -1.78
C TYR A 18 2.01 -21.82 -2.55
N ALA A 19 0.93 -22.28 -3.18
CA ALA A 19 1.01 -23.55 -3.91
C ALA A 19 2.11 -23.51 -4.95
N ASP A 20 2.28 -22.36 -5.60
CA ASP A 20 3.26 -22.20 -6.67
C ASP A 20 4.65 -21.87 -6.16
N TRP A 21 4.78 -21.38 -4.92
CA TRP A 21 6.06 -20.91 -4.41
C TRP A 21 6.59 -21.72 -3.24
N LYS A 22 5.83 -22.66 -2.70
CA LYS A 22 6.29 -23.45 -1.57
C LYS A 22 7.65 -24.08 -1.86
N GLY A 23 8.58 -23.89 -0.93
CA GLY A 23 9.88 -24.51 -1.02
C GLY A 23 10.92 -23.72 -1.78
N VAL A 24 10.55 -22.60 -2.41
CA VAL A 24 11.54 -21.75 -3.06
C VAL A 24 12.54 -21.29 -2.02
N ARG A 25 13.83 -21.40 -2.35
CA ARG A 25 14.86 -21.14 -1.36
C ARG A 25 14.97 -19.66 -1.04
N TYR A 26 15.55 -19.39 0.11
CA TYR A 26 15.81 -18.02 0.54
C TYR A 26 17.04 -17.47 -0.15
N ARG A 27 16.94 -16.26 -0.67
CA ARG A 27 18.08 -15.54 -1.23
C ARG A 27 17.86 -14.05 -0.99
N LEU A 28 18.80 -13.41 -0.30
CA LEU A 28 18.73 -11.97 -0.06
C LEU A 28 18.64 -11.21 -1.36
N GLY A 29 17.61 -10.36 -1.48
CA GLY A 29 17.39 -9.59 -2.69
C GLY A 29 16.89 -10.39 -3.88
N GLY A 30 16.62 -11.67 -3.73
CA GLY A 30 16.05 -12.43 -4.82
C GLY A 30 14.58 -12.12 -5.04
N SER A 31 14.12 -12.35 -6.28
CA SER A 31 12.75 -12.04 -6.64
C SER A 31 12.15 -13.08 -7.59
N THR A 32 12.75 -14.27 -7.69
CA THR A 32 12.29 -15.28 -8.63
C THR A 32 12.22 -16.64 -7.96
N LYS A 33 11.74 -17.63 -8.71
CA LYS A 33 11.68 -18.99 -8.20
C LYS A 33 13.04 -19.59 -7.92
N LYS A 34 14.12 -18.98 -8.42
CA LYS A 34 15.45 -19.46 -8.04
C LYS A 34 15.80 -19.09 -6.61
N GLY A 35 15.14 -18.09 -6.04
CA GLY A 35 15.45 -17.66 -4.70
C GLY A 35 14.80 -16.33 -4.41
N ILE A 36 14.18 -16.18 -3.24
CA ILE A 36 13.47 -14.96 -2.86
C ILE A 36 13.65 -14.74 -1.36
N ASP A 37 13.54 -13.47 -0.94
CA ASP A 37 13.63 -13.16 0.48
C ASP A 37 12.24 -12.81 1.03
N SER A 38 12.19 -12.44 2.31
CA SER A 38 10.88 -12.35 2.97
C SER A 38 10.08 -11.17 2.46
N SER A 39 10.70 -9.99 2.38
CA SER A 39 9.98 -8.84 1.83
C SER A 39 9.75 -8.99 0.34
N GLY A 40 10.64 -9.67 -0.38
CA GLY A 40 10.42 -9.91 -1.80
C GLY A 40 9.24 -10.83 -2.03
N PHE A 41 9.07 -11.84 -1.17
CA PHE A 41 7.93 -12.73 -1.32
C PHE A 41 6.64 -11.99 -1.04
N VAL A 42 6.64 -11.13 -0.02
CA VAL A 42 5.46 -10.32 0.25
C VAL A 42 5.14 -9.41 -0.93
N GLN A 43 6.18 -8.75 -1.50
CA GLN A 43 5.99 -7.88 -2.65
C GLN A 43 5.37 -8.65 -3.82
N ARG A 44 5.95 -9.79 -4.16
CA ARG A 44 5.45 -10.55 -5.30
C ARG A 44 4.01 -11.01 -5.07
N THR A 45 3.71 -11.51 -3.86
CA THR A 45 2.35 -11.98 -3.57
C THR A 45 1.33 -10.85 -3.73
N PHE A 46 1.64 -9.67 -3.20
CA PHE A 46 0.66 -8.59 -3.26
C PHE A 46 0.51 -8.05 -4.68
N ARG A 47 1.57 -8.08 -5.48
CA ARG A 47 1.45 -7.68 -6.87
C ARG A 47 0.59 -8.67 -7.64
N GLU A 48 0.92 -9.96 -7.54
CA GLU A 48 0.29 -10.96 -8.39
C GLU A 48 -1.12 -11.29 -7.96
N GLN A 49 -1.40 -11.27 -6.66
CA GLN A 49 -2.73 -11.64 -6.18
C GLN A 49 -3.65 -10.46 -5.96
N PHE A 50 -3.12 -9.28 -5.61
CA PHE A 50 -3.95 -8.15 -5.24
C PHE A 50 -3.72 -6.91 -6.09
N GLY A 51 -2.74 -6.93 -6.99
CA GLY A 51 -2.50 -5.77 -7.84
C GLY A 51 -2.01 -4.54 -7.09
N LEU A 52 -1.33 -4.74 -5.97
CA LEU A 52 -0.82 -3.67 -5.14
C LEU A 52 0.71 -3.65 -5.22
N GLU A 53 1.28 -2.45 -5.30
CA GLU A 53 2.72 -2.26 -5.45
C GLU A 53 3.33 -1.97 -4.08
N LEU A 54 4.11 -2.93 -3.58
CA LEU A 54 4.83 -2.76 -2.33
C LEU A 54 6.34 -2.69 -2.60
N PRO A 55 7.09 -2.02 -1.73
CA PRO A 55 8.55 -2.07 -1.84
C PRO A 55 9.10 -3.39 -1.33
N ARG A 56 10.30 -3.75 -1.83
CA ARG A 56 10.99 -4.97 -1.44
C ARG A 56 11.84 -4.73 -0.20
N SER A 57 11.19 -4.30 0.88
CA SER A 57 11.91 -3.93 2.08
C SER A 57 11.03 -4.14 3.29
N THR A 58 11.50 -4.91 4.27
CA THR A 58 10.77 -5.02 5.53
C THR A 58 10.68 -3.68 6.24
N TYR A 59 11.77 -2.91 6.18
CA TYR A 59 11.77 -1.60 6.82
C TYR A 59 10.66 -0.71 6.26
N GLU A 60 10.46 -0.74 4.95
CA GLU A 60 9.42 0.11 4.34
C GLU A 60 8.03 -0.50 4.46
N GLN A 61 7.92 -1.83 4.44
CA GLN A 61 6.60 -2.46 4.59
C GLN A 61 6.02 -2.19 5.98
N GLN A 62 6.88 -2.03 6.98
CA GLN A 62 6.44 -1.70 8.33
C GLN A 62 5.68 -0.39 8.37
N GLU A 63 5.93 0.50 7.43
CA GLU A 63 5.28 1.81 7.38
C GLU A 63 3.91 1.77 6.70
N MET A 64 3.56 0.69 6.03
CA MET A 64 2.40 0.65 5.17
C MET A 64 1.12 0.52 5.96
N GLY A 65 0.01 0.89 5.32
CA GLY A 65 -1.29 0.58 5.87
C GLY A 65 -1.48 1.16 7.24
N LYS A 66 -2.17 0.40 8.10
CA LYS A 66 -2.41 0.82 9.47
C LYS A 66 -2.00 -0.29 10.42
N SER A 67 -1.60 0.10 11.62
CA SER A 67 -1.21 -0.89 12.62
C SER A 67 -2.42 -1.69 13.08
N VAL A 68 -2.18 -2.98 13.35
CA VAL A 68 -3.17 -3.91 13.85
C VAL A 68 -2.62 -4.53 15.13
N SER A 69 -3.49 -4.71 16.12
CA SER A 69 -3.08 -5.39 17.34
C SER A 69 -3.01 -6.90 17.09
N ARG A 70 -2.13 -7.56 17.84
CA ARG A 70 -1.97 -9.01 17.67
C ARG A 70 -3.31 -9.74 17.79
N SER A 71 -4.16 -9.31 18.72
CA SER A 71 -5.44 -9.97 18.90
C SER A 71 -6.38 -9.79 17.71
N ASN A 72 -6.16 -8.77 16.90
CA ASN A 72 -7.10 -8.42 15.82
C ASN A 72 -6.62 -8.85 14.44
N LEU A 73 -5.63 -9.74 14.36
CA LEU A 73 -5.07 -10.13 13.08
C LEU A 73 -6.13 -10.73 12.17
N ARG A 74 -6.08 -10.35 10.90
CA ARG A 74 -6.94 -10.91 9.87
C ARG A 74 -6.08 -11.42 8.72
N THR A 75 -6.59 -12.42 8.02
CA THR A 75 -5.90 -12.97 6.86
C THR A 75 -5.51 -11.86 5.89
N GLY A 76 -4.25 -11.87 5.46
CA GLY A 76 -3.72 -10.84 4.60
C GLY A 76 -2.92 -9.76 5.31
N ASP A 77 -3.02 -9.67 6.64
CA ASP A 77 -2.20 -8.71 7.36
C ASP A 77 -0.74 -9.10 7.28
N LEU A 78 0.14 -8.10 7.23
CA LEU A 78 1.56 -8.36 7.33
C LEU A 78 1.95 -8.54 8.79
N VAL A 79 2.71 -9.61 9.08
CA VAL A 79 3.23 -9.84 10.43
C VAL A 79 4.74 -9.61 10.40
N LEU A 80 5.24 -8.85 11.38
CA LEU A 80 6.63 -8.43 11.41
C LEU A 80 7.27 -8.96 12.68
N PHE A 81 8.50 -9.46 12.55
CA PHE A 81 9.19 -10.11 13.64
C PHE A 81 10.58 -9.51 13.77
N ARG A 82 11.04 -9.35 15.02
CA ARG A 82 12.42 -8.96 15.28
C ARG A 82 13.26 -10.23 15.28
N ALA A 83 13.64 -10.66 14.08
CA ALA A 83 14.27 -11.96 13.90
C ALA A 83 15.45 -11.85 12.94
N GLY A 84 16.46 -12.69 13.15
CA GLY A 84 17.57 -12.77 12.24
C GLY A 84 18.62 -11.69 12.48
N SER A 85 19.57 -11.64 11.54
CA SER A 85 20.77 -10.84 11.73
C SER A 85 20.46 -9.36 11.86
N THR A 86 19.48 -8.86 11.10
CA THR A 86 19.17 -7.43 11.14
C THR A 86 17.92 -7.12 11.93
N GLY A 87 17.28 -8.11 12.54
CA GLY A 87 16.10 -7.86 13.33
C GLY A 87 14.88 -7.48 12.54
N ARG A 88 14.80 -7.90 11.28
CA ARG A 88 13.68 -7.57 10.41
C ARG A 88 13.30 -8.82 9.62
N HIS A 89 12.04 -9.21 9.72
CA HIS A 89 11.50 -10.33 8.96
C HIS A 89 10.01 -10.13 8.84
N VAL A 90 9.46 -10.41 7.65
CA VAL A 90 8.04 -10.18 7.41
C VAL A 90 7.39 -11.44 6.82
N GLY A 91 6.12 -11.66 7.18
CA GLY A 91 5.30 -12.68 6.56
C GLY A 91 3.87 -12.17 6.41
N ILE A 92 3.01 -13.05 5.91
CA ILE A 92 1.60 -12.74 5.69
C ILE A 92 0.76 -13.67 6.54
N TYR A 93 -0.06 -13.09 7.41
CA TYR A 93 -0.95 -13.90 8.23
C TYR A 93 -2.02 -14.56 7.37
N ILE A 94 -2.29 -15.84 7.63
CA ILE A 94 -3.26 -16.60 6.84
C ILE A 94 -4.36 -17.20 7.70
N GLY A 95 -4.56 -16.69 8.91
CA GLY A 95 -5.59 -17.19 9.79
C GLY A 95 -5.11 -18.39 10.59
N ASN A 96 -5.89 -18.72 11.63
CA ASN A 96 -5.64 -19.89 12.45
C ASN A 96 -4.22 -19.89 13.04
N ASN A 97 -3.73 -18.70 13.39
CA ASN A 97 -2.41 -18.54 14.01
C ASN A 97 -1.28 -19.03 13.10
N GLN A 98 -1.48 -18.96 11.78
CA GLN A 98 -0.48 -19.36 10.81
C GLN A 98 -0.08 -18.18 9.95
N PHE A 99 1.14 -18.21 9.44
CA PHE A 99 1.62 -17.19 8.52
C PHE A 99 2.50 -17.84 7.46
N VAL A 100 2.52 -17.24 6.28
CA VAL A 100 3.38 -17.69 5.18
C VAL A 100 4.53 -16.70 5.02
N HIS A 101 5.72 -17.22 4.75
CA HIS A 101 6.89 -16.35 4.64
C HIS A 101 8.01 -17.07 3.91
N ALA A 102 8.95 -16.29 3.38
CA ALA A 102 10.21 -16.86 2.88
C ALA A 102 11.16 -16.96 4.06
N SER A 103 11.27 -18.16 4.63
CA SER A 103 12.10 -18.37 5.80
C SER A 103 13.55 -18.62 5.39
N THR A 104 14.48 -18.17 6.23
CA THR A 104 15.88 -18.47 5.95
C THR A 104 16.19 -19.95 6.11
N SER A 105 15.52 -20.65 7.02
CA SER A 105 15.87 -22.04 7.27
C SER A 105 15.25 -23.00 6.25
N SER A 106 14.07 -22.69 5.71
CA SER A 106 13.33 -23.63 4.89
C SER A 106 12.80 -23.06 3.59
N GLY A 107 13.08 -21.79 3.28
CA GLY A 107 12.47 -21.22 2.11
C GLY A 107 11.00 -20.89 2.35
N VAL A 108 10.24 -20.78 1.26
CA VAL A 108 8.84 -20.38 1.39
C VAL A 108 8.07 -21.48 2.10
N ILE A 109 7.43 -21.14 3.21
CA ILE A 109 6.84 -22.14 4.10
C ILE A 109 5.72 -21.48 4.90
N ILE A 110 4.83 -22.31 5.42
CA ILE A 110 3.83 -21.90 6.40
C ILE A 110 4.32 -22.26 7.78
N SER A 111 4.28 -21.31 8.70
CA SER A 111 4.70 -21.50 10.07
C SER A 111 3.57 -21.12 11.01
N SER A 112 3.69 -21.55 12.26
CA SER A 112 2.73 -21.17 13.29
C SER A 112 3.24 -19.96 14.06
N MET A 113 2.36 -18.99 14.30
CA MET A 113 2.69 -17.87 15.17
C MET A 113 3.02 -18.33 16.58
N ASN A 114 2.63 -19.55 16.95
CA ASN A 114 2.89 -20.06 18.28
C ASN A 114 4.19 -20.84 18.39
N GLU A 115 4.86 -21.10 17.28
CA GLU A 115 6.19 -21.66 17.38
C GLU A 115 7.04 -20.78 18.29
N PRO A 116 7.71 -21.35 19.30
CA PRO A 116 8.39 -20.50 20.30
C PRO A 116 9.30 -19.43 19.72
N TYR A 117 10.08 -19.77 18.69
CA TYR A 117 10.98 -18.80 18.09
C TYR A 117 10.20 -17.58 17.59
N TRP A 118 9.08 -17.81 16.92
CA TRP A 118 8.34 -16.71 16.31
C TRP A 118 7.47 -15.98 17.35
N LYS A 119 6.89 -16.74 18.29
CA LYS A 119 6.10 -16.09 19.33
C LYS A 119 6.94 -15.09 20.12
N LYS A 120 8.19 -15.44 20.44
CA LYS A 120 9.05 -14.56 21.21
C LYS A 120 9.47 -13.34 20.41
N ARG A 121 9.47 -13.42 19.08
CA ARG A 121 10.03 -12.37 18.24
C ARG A 121 8.98 -11.54 17.54
N TYR A 122 7.70 -11.86 17.70
CA TYR A 122 6.64 -11.06 17.10
C TYR A 122 6.75 -9.61 17.56
N ASN A 123 6.62 -8.68 16.62
CA ASN A 123 6.77 -7.26 16.92
C ASN A 123 5.48 -6.49 16.65
N GLU A 124 4.93 -6.59 15.44
CA GLU A 124 3.80 -5.73 15.08
C GLU A 124 3.16 -6.29 13.81
N ALA A 125 2.01 -5.74 13.47
CA ALA A 125 1.29 -6.15 12.28
C ALA A 125 0.75 -4.93 11.55
N ARG A 126 0.66 -5.04 10.23
CA ARG A 126 0.15 -3.97 9.39
C ARG A 126 -0.99 -4.49 8.52
N ARG A 127 -2.05 -3.71 8.39
CA ARG A 127 -3.16 -4.05 7.51
C ARG A 127 -3.07 -3.23 6.24
N VAL A 128 -3.00 -3.91 5.10
CA VAL A 128 -2.91 -3.28 3.80
C VAL A 128 -4.21 -3.38 3.02
N LEU A 129 -4.96 -4.46 3.18
CA LEU A 129 -6.22 -4.66 2.48
C LEU A 129 -7.35 -4.11 3.34
N SER A 130 -8.16 -3.25 2.74
CA SER A 130 -9.31 -2.68 3.45
C SER A 130 -10.35 -3.76 3.72
N ASP B 9 -10.95 -0.50 -14.35
CA ASP B 9 -10.27 0.64 -14.95
C ASP B 9 -9.98 1.74 -13.91
N VAL B 10 -8.68 2.01 -13.75
CA VAL B 10 -8.22 2.88 -12.67
C VAL B 10 -8.74 4.30 -12.85
N LYS B 11 -8.69 4.82 -14.08
CA LYS B 11 -9.19 6.17 -14.33
C LYS B 11 -10.66 6.29 -13.98
N SER B 12 -11.47 5.30 -14.40
CA SER B 12 -12.91 5.38 -14.12
C SER B 12 -13.20 5.37 -12.63
N ARG B 13 -12.46 4.55 -11.86
CA ARG B 13 -12.71 4.53 -10.43
C ARG B 13 -12.35 5.85 -9.76
N ILE B 14 -11.26 6.48 -10.21
CA ILE B 14 -10.90 7.79 -9.64
C ILE B 14 -11.93 8.84 -10.04
N MET B 15 -12.40 8.79 -11.28
CA MET B 15 -13.44 9.76 -11.67
C MET B 15 -14.73 9.53 -10.93
N ASP B 16 -15.03 8.27 -10.57
CA ASP B 16 -16.20 7.97 -9.75
C ASP B 16 -16.07 8.61 -8.37
N GLN B 17 -14.90 8.47 -7.73
CA GLN B 17 -14.68 9.15 -6.47
C GLN B 17 -14.80 10.66 -6.61
N TYR B 18 -14.24 11.22 -7.69
CA TYR B 18 -14.36 12.67 -7.91
C TYR B 18 -15.82 13.09 -8.06
N ALA B 19 -16.64 12.26 -8.70
CA ALA B 19 -18.05 12.61 -8.87
C ALA B 19 -18.74 12.85 -7.54
N ASP B 20 -18.37 12.10 -6.50
CA ASP B 20 -18.98 12.25 -5.19
C ASP B 20 -18.32 13.32 -4.34
N TRP B 21 -17.07 13.68 -4.64
CA TRP B 21 -16.29 14.56 -3.77
C TRP B 21 -16.00 15.94 -4.34
N LYS B 22 -16.22 16.15 -5.65
CA LYS B 22 -15.90 17.44 -6.27
C LYS B 22 -16.54 18.58 -5.50
N GLY B 23 -15.74 19.61 -5.21
CA GLY B 23 -16.26 20.80 -4.56
C GLY B 23 -16.37 20.70 -3.05
N VAL B 24 -16.09 19.54 -2.47
CA VAL B 24 -16.06 19.45 -1.01
C VAL B 24 -14.96 20.34 -0.49
N ARG B 25 -15.28 21.18 0.49
CA ARG B 25 -14.33 22.17 0.95
C ARG B 25 -13.14 21.53 1.67
N TYR B 26 -12.02 22.24 1.65
CA TYR B 26 -10.85 21.79 2.38
C TYR B 26 -10.99 22.17 3.84
N ARG B 27 -10.69 21.23 4.73
CA ARG B 27 -10.57 21.53 6.14
C ARG B 27 -9.35 20.77 6.65
N LEU B 28 -8.36 21.51 7.13
CA LEU B 28 -7.15 20.89 7.68
C LEU B 28 -7.55 19.90 8.77
N GLY B 29 -7.11 18.65 8.61
CA GLY B 29 -7.45 17.60 9.54
C GLY B 29 -8.78 16.92 9.29
N GLY B 30 -9.54 17.34 8.28
CA GLY B 30 -10.85 16.77 8.04
C GLY B 30 -10.81 15.49 7.22
N SER B 31 -11.86 14.67 7.40
CA SER B 31 -11.95 13.39 6.71
C SER B 31 -13.34 13.08 6.18
N THR B 32 -14.23 14.07 6.08
CA THR B 32 -15.63 13.82 5.73
C THR B 32 -16.09 14.80 4.65
N LYS B 33 -17.33 14.63 4.19
CA LYS B 33 -17.88 15.51 3.17
C LYS B 33 -18.17 16.91 3.70
N LYS B 34 -18.06 17.13 5.01
CA LYS B 34 -18.13 18.46 5.58
C LYS B 34 -16.82 19.22 5.47
N GLY B 35 -15.75 18.55 5.05
CA GLY B 35 -14.44 19.16 4.93
C GLY B 35 -13.37 18.09 5.02
N ILE B 36 -12.46 18.07 4.06
CA ILE B 36 -11.44 17.03 3.98
C ILE B 36 -10.11 17.67 3.58
N ASP B 37 -9.01 17.07 4.00
CA ASP B 37 -7.70 17.54 3.58
C ASP B 37 -7.13 16.65 2.48
N SER B 38 -5.92 16.98 2.01
CA SER B 38 -5.42 16.32 0.81
C SER B 38 -5.07 14.87 1.07
N SER B 39 -4.33 14.61 2.15
CA SER B 39 -4.03 13.22 2.49
C SER B 39 -5.30 12.46 2.85
N GLY B 40 -6.27 13.14 3.47
CA GLY B 40 -7.52 12.48 3.80
C GLY B 40 -8.28 12.05 2.56
N PHE B 41 -8.31 12.92 1.55
CA PHE B 41 -9.00 12.59 0.30
C PHE B 41 -8.33 11.43 -0.42
N VAL B 42 -6.98 11.43 -0.44
CA VAL B 42 -6.24 10.35 -1.08
C VAL B 42 -6.48 9.03 -0.34
N GLN B 43 -6.43 9.09 0.99
CA GLN B 43 -6.64 7.88 1.79
C GLN B 43 -8.02 7.28 1.53
N ARG B 44 -9.05 8.13 1.52
CA ARG B 44 -10.40 7.61 1.32
C ARG B 44 -10.58 7.05 -0.08
N THR B 45 -10.00 7.71 -1.08
CA THR B 45 -10.13 7.23 -2.45
C THR B 45 -9.56 5.83 -2.60
N PHE B 46 -8.37 5.60 -2.07
CA PHE B 46 -7.77 4.29 -2.27
C PHE B 46 -8.48 3.21 -1.46
N ARG B 47 -9.00 3.55 -0.28
CA ARG B 47 -9.76 2.56 0.48
C ARG B 47 -11.04 2.18 -0.25
N GLU B 48 -11.81 3.17 -0.68
CA GLU B 48 -13.15 2.93 -1.20
C GLU B 48 -13.14 2.44 -2.64
N GLN B 49 -12.19 2.87 -3.46
CA GLN B 49 -12.16 2.47 -4.86
C GLN B 49 -11.23 1.28 -5.13
N PHE B 50 -10.20 1.09 -4.31
CA PHE B 50 -9.21 0.06 -4.59
C PHE B 50 -8.98 -0.90 -3.45
N GLY B 51 -9.66 -0.74 -2.32
CA GLY B 51 -9.48 -1.67 -1.20
C GLY B 51 -8.11 -1.62 -0.58
N LEU B 52 -7.39 -0.51 -0.71
CA LEU B 52 -6.05 -0.35 -0.20
C LEU B 52 -6.06 0.62 0.96
N GLU B 53 -5.45 0.22 2.09
CA GLU B 53 -5.30 1.07 3.26
C GLU B 53 -4.00 1.82 3.14
N LEU B 54 -4.06 3.15 3.10
CA LEU B 54 -2.90 4.00 3.14
C LEU B 54 -2.80 4.68 4.50
N PRO B 55 -1.61 5.11 4.89
CA PRO B 55 -1.49 5.90 6.11
C PRO B 55 -2.15 7.26 5.94
N ARG B 56 -2.37 7.93 7.09
CA ARG B 56 -3.22 9.11 7.14
C ARG B 56 -2.55 10.39 6.66
N SER B 57 -1.24 10.54 6.86
CA SER B 57 -0.59 11.82 6.60
C SER B 57 0.16 11.82 5.27
N THR B 58 0.33 13.02 4.70
CA THR B 58 1.08 13.15 3.46
C THR B 58 2.51 12.66 3.62
N TYR B 59 3.14 12.97 4.76
CA TYR B 59 4.52 12.53 4.99
C TYR B 59 4.64 11.02 4.91
N GLU B 60 3.67 10.28 5.46
CA GLU B 60 3.73 8.82 5.35
C GLU B 60 3.33 8.35 3.95
N GLN B 61 2.39 9.03 3.30
CA GLN B 61 1.93 8.57 1.99
C GLN B 61 3.06 8.65 0.96
N GLN B 62 3.95 9.63 1.11
CA GLN B 62 5.06 9.73 0.17
C GLN B 62 6.05 8.58 0.31
N GLU B 63 5.93 7.77 1.36
CA GLU B 63 6.78 6.59 1.53
C GLU B 63 6.14 5.32 0.98
N MET B 64 4.94 5.42 0.39
CA MET B 64 4.23 4.22 -0.01
C MET B 64 4.61 3.79 -1.43
N GLY B 65 4.40 2.51 -1.71
CA GLY B 65 4.65 2.01 -3.06
C GLY B 65 6.09 2.19 -3.49
N LYS B 66 6.27 2.48 -4.78
CA LYS B 66 7.59 2.69 -5.35
C LYS B 66 7.68 4.05 -6.04
N SER B 67 8.84 4.69 -5.90
CA SER B 67 9.08 5.95 -6.59
C SER B 67 9.09 5.74 -8.09
N VAL B 68 8.44 6.66 -8.83
CA VAL B 68 8.49 6.63 -10.29
C VAL B 68 8.82 8.01 -10.83
N SER B 69 9.47 8.03 -11.99
CA SER B 69 9.89 9.28 -12.62
C SER B 69 8.70 10.03 -13.20
N ARG B 70 8.87 11.36 -13.31
CA ARG B 70 7.82 12.21 -13.88
C ARG B 70 7.42 11.75 -15.27
N SER B 71 8.39 11.33 -16.09
CA SER B 71 8.06 10.90 -17.45
C SER B 71 7.34 9.56 -17.48
N ASN B 72 7.36 8.82 -16.38
CA ASN B 72 6.73 7.51 -16.29
C ASN B 72 5.39 7.55 -15.55
N LEU B 73 4.87 8.75 -15.26
CA LEU B 73 3.64 8.87 -14.50
C LEU B 73 2.50 8.18 -15.22
N ARG B 74 1.68 7.46 -14.43
CA ARG B 74 0.51 6.75 -14.93
C ARG B 74 -0.69 7.08 -14.06
N THR B 75 -1.87 7.01 -14.67
CA THR B 75 -3.10 7.25 -13.93
C THR B 75 -3.15 6.39 -12.67
N GLY B 76 -3.47 7.01 -11.54
CA GLY B 76 -3.51 6.34 -10.26
C GLY B 76 -2.25 6.50 -9.42
N ASP B 77 -1.16 7.01 -9.98
CA ASP B 77 0.02 7.29 -9.20
C ASP B 77 -0.24 8.47 -8.28
N LEU B 78 0.35 8.44 -7.10
CA LEU B 78 0.35 9.62 -6.24
C LEU B 78 1.33 10.64 -6.78
N VAL B 79 0.93 11.92 -6.75
CA VAL B 79 1.84 13.02 -7.06
C VAL B 79 2.06 13.85 -5.78
N LEU B 80 3.33 14.18 -5.52
CA LEU B 80 3.71 14.91 -4.32
C LEU B 80 4.36 16.22 -4.76
N PHE B 81 3.95 17.31 -4.13
CA PHE B 81 4.47 18.64 -4.40
C PHE B 81 5.01 19.27 -3.12
N ARG B 82 6.00 20.14 -3.29
CA ARG B 82 6.60 20.81 -2.14
C ARG B 82 5.72 21.91 -1.56
N ALA B 83 4.60 22.22 -2.18
CA ALA B 83 3.67 23.25 -1.69
C ALA B 83 3.40 23.21 -0.18
N GLY B 87 5.44 21.05 4.29
CA GLY B 87 6.07 21.24 3.00
C GLY B 87 5.78 20.16 1.97
N ARG B 88 4.64 19.48 2.13
CA ARG B 88 4.25 18.46 1.16
C ARG B 88 2.75 18.52 0.92
N HIS B 89 2.36 18.27 -0.33
CA HIS B 89 0.96 18.24 -0.73
C HIS B 89 0.79 17.07 -1.68
N VAL B 90 -0.28 16.29 -1.50
CA VAL B 90 -0.47 15.07 -2.28
C VAL B 90 -1.72 15.16 -3.13
N GLY B 91 -1.65 14.54 -4.31
CA GLY B 91 -2.79 14.35 -5.19
C GLY B 91 -2.66 13.02 -5.93
N ILE B 92 -3.61 12.76 -6.83
CA ILE B 92 -3.64 11.52 -7.62
C ILE B 92 -3.63 11.90 -9.09
N TYR B 93 -2.65 11.39 -9.83
CA TYR B 93 -2.56 11.66 -11.26
C TYR B 93 -3.70 10.97 -12.01
N ILE B 94 -4.37 11.69 -12.91
CA ILE B 94 -5.50 11.13 -13.65
C ILE B 94 -5.31 11.21 -15.17
N GLY B 95 -4.08 11.38 -15.64
CA GLY B 95 -3.82 11.39 -17.06
C GLY B 95 -3.97 12.78 -17.67
N ASN B 96 -3.40 12.91 -18.88
CA ASN B 96 -3.51 14.15 -19.64
C ASN B 96 -2.98 15.36 -18.86
N ASN B 97 -1.93 15.10 -18.07
CA ASN B 97 -1.25 16.14 -17.30
C ASN B 97 -2.17 16.79 -16.28
N GLN B 98 -3.12 16.03 -15.74
CA GLN B 98 -4.04 16.54 -14.74
C GLN B 98 -4.03 15.62 -13.52
N PHE B 99 -4.37 16.20 -12.37
CA PHE B 99 -4.40 15.47 -11.11
C PHE B 99 -5.56 15.95 -10.25
N VAL B 100 -6.07 15.06 -9.41
CA VAL B 100 -7.15 15.39 -8.48
C VAL B 100 -6.59 15.48 -7.07
N HIS B 101 -7.09 16.44 -6.29
CA HIS B 101 -6.54 16.66 -4.96
C HIS B 101 -7.52 17.54 -4.20
N ALA B 102 -7.36 17.58 -2.88
CA ALA B 102 -8.06 18.59 -2.08
C ALA B 102 -7.13 19.79 -1.99
N SER B 103 -7.41 20.80 -2.82
CA SER B 103 -6.68 22.06 -2.77
C SER B 103 -6.85 22.72 -1.42
N THR B 104 -5.75 23.27 -0.89
CA THR B 104 -5.80 23.84 0.46
C THR B 104 -6.70 25.07 0.54
N SER B 105 -7.07 25.67 -0.58
CA SER B 105 -8.02 26.77 -0.59
C SER B 105 -9.36 26.42 -1.22
N SER B 106 -9.36 25.64 -2.30
CA SER B 106 -10.56 25.41 -3.10
C SER B 106 -11.27 24.09 -2.81
N GLY B 107 -10.68 23.20 -2.02
CA GLY B 107 -11.29 21.90 -1.85
C GLY B 107 -11.02 20.97 -3.02
N VAL B 108 -11.86 19.95 -3.13
CA VAL B 108 -11.58 18.85 -4.06
C VAL B 108 -11.79 19.32 -5.49
N ILE B 109 -10.74 19.25 -6.30
CA ILE B 109 -10.73 19.82 -7.65
C ILE B 109 -9.74 19.04 -8.48
N ILE B 110 -9.82 19.24 -9.79
CA ILE B 110 -8.82 18.76 -10.74
C ILE B 110 -7.96 19.94 -11.18
N SER B 111 -6.65 19.76 -11.14
CA SER B 111 -5.68 20.79 -11.47
C SER B 111 -4.73 20.26 -12.53
N SER B 112 -3.95 21.16 -13.14
CA SER B 112 -3.01 20.79 -14.19
C SER B 112 -1.60 20.68 -13.61
N MET B 113 -0.92 19.59 -13.97
CA MET B 113 0.49 19.45 -13.62
C MET B 113 1.33 20.54 -14.24
N ASN B 114 0.80 21.21 -15.28
CA ASN B 114 1.50 22.26 -16.00
C ASN B 114 1.12 23.67 -15.56
N GLU B 115 0.18 23.81 -14.65
CA GLU B 115 -0.01 25.08 -13.98
C GLU B 115 1.34 25.49 -13.40
N PRO B 116 1.82 26.72 -13.64
CA PRO B 116 3.20 27.04 -13.24
C PRO B 116 3.51 26.76 -11.78
N TYR B 117 2.56 27.04 -10.88
CA TYR B 117 2.80 26.82 -9.46
C TYR B 117 3.07 25.35 -9.18
N TRP B 118 2.28 24.46 -9.77
CA TRP B 118 2.43 23.01 -9.56
C TRP B 118 3.63 22.46 -10.31
N LYS B 119 3.91 22.97 -11.50
CA LYS B 119 5.06 22.50 -12.26
C LYS B 119 6.36 22.78 -11.51
N LYS B 120 6.46 23.96 -10.91
CA LYS B 120 7.68 24.35 -10.20
C LYS B 120 7.87 23.54 -8.92
N ARG B 121 6.78 23.06 -8.34
CA ARG B 121 6.82 22.43 -7.02
C ARG B 121 6.72 20.92 -7.07
N TYR B 122 6.63 20.33 -8.25
CA TYR B 122 6.61 18.87 -8.35
C TYR B 122 7.80 18.26 -7.63
N ASN B 123 7.53 17.26 -6.81
CA ASN B 123 8.58 16.62 -6.03
C ASN B 123 8.80 15.16 -6.36
N GLU B 124 7.73 14.38 -6.54
CA GLU B 124 7.90 12.94 -6.69
C GLU B 124 6.57 12.33 -7.07
N ALA B 125 6.63 11.16 -7.68
CA ALA B 125 5.45 10.34 -7.89
C ALA B 125 5.66 8.99 -7.21
N ARG B 126 4.57 8.43 -6.70
CA ARG B 126 4.62 7.12 -6.05
C ARG B 126 3.56 6.21 -6.66
N ARG B 127 3.96 5.03 -7.07
CA ARG B 127 3.03 4.05 -7.64
C ARG B 127 2.62 3.06 -6.55
N VAL B 128 1.33 3.02 -6.25
CA VAL B 128 0.80 2.10 -5.24
C VAL B 128 -0.04 0.99 -5.82
N LEU B 129 -0.48 1.11 -7.08
CA LEU B 129 -1.18 0.05 -7.80
C LEU B 129 -0.23 -0.54 -8.82
N SER B 130 -0.13 -1.88 -8.84
CA SER B 130 0.87 -2.44 -9.74
C SER B 130 0.33 -2.50 -11.18
N ARG B 131 1.26 -2.63 -12.11
CA ARG B 131 0.91 -2.73 -13.53
C ARG B 131 1.29 -4.09 -14.10
C1 CIT C . 17.08 -6.48 5.84
O1 CIT C . 16.06 -5.86 6.20
O2 CIT C . 18.17 -6.18 6.35
C2 CIT C . 17.02 -7.59 4.80
C3 CIT C . 15.60 -8.10 4.59
O7 CIT C . 14.97 -8.44 5.85
C4 CIT C . 15.64 -9.31 3.66
C5 CIT C . 14.32 -10.05 3.68
O3 CIT C . 13.30 -9.48 3.23
O4 CIT C . 14.22 -11.22 4.13
C6 CIT C . 14.80 -7.01 3.91
O5 CIT C . 13.77 -6.61 4.45
O6 CIT C . 15.19 -6.52 2.84
C1 CIT D . -10.31 -14.66 14.08
O1 CIT D . -9.86 -14.66 15.25
O2 CIT D . -11.32 -15.35 13.81
C2 CIT D . -9.65 -13.84 12.99
C3 CIT D . -9.10 -14.73 11.88
O7 CIT D . -10.20 -15.36 11.18
C4 CIT D . -8.26 -13.93 10.91
C5 CIT D . -8.68 -14.31 9.51
O3 CIT D . -9.26 -13.49 8.76
O4 CIT D . -8.42 -15.46 9.10
C6 CIT D . -8.16 -15.79 12.45
O5 CIT D . -7.20 -15.42 13.15
O6 CIT D . -8.31 -17.01 12.20
C1 EDO E . 10.94 -21.70 9.67
O1 EDO E . 11.61 -20.70 10.44
C2 EDO E . 10.09 -22.58 10.58
O2 EDO E . 9.10 -21.78 11.23
C1 CIT F . 0.15 9.35 -22.13
O1 CIT F . -0.80 9.88 -22.76
O2 CIT F . 1.30 9.80 -22.26
C2 CIT F . -0.11 8.16 -21.23
C3 CIT F . -0.99 8.50 -20.03
O7 CIT F . -2.31 8.00 -20.31
C4 CIT F . -0.47 7.83 -18.76
C5 CIT F . -1.69 7.44 -17.96
O3 CIT F . -2.58 8.29 -17.75
O4 CIT F . -1.83 6.28 -17.50
C6 CIT F . -1.10 10.00 -19.75
O5 CIT F . -2.07 10.65 -20.19
O6 CIT F . -0.23 10.59 -19.05
C1 CIT G . -3.19 17.80 4.12
O1 CIT G . -3.80 18.52 3.30
O2 CIT G . -3.03 16.60 3.85
C2 CIT G . -2.70 18.41 5.42
C3 CIT G . -1.34 17.87 5.84
O7 CIT G . -0.44 17.93 4.69
C4 CIT G . -0.80 18.69 7.00
C5 CIT G . 0.49 18.08 7.50
O3 CIT G . 0.77 18.12 8.72
O4 CIT G . 1.28 17.50 6.72
C6 CIT G . -1.55 16.44 6.31
O5 CIT G . -2.42 16.22 7.18
O6 CIT G . -0.88 15.50 5.83
#